data_8GZ9
#
_entry.id   8GZ9
#
_cell.length_a   1.00
_cell.length_b   1.00
_cell.length_c   1.00
_cell.angle_alpha   90.00
_cell.angle_beta   90.00
_cell.angle_gamma   90.00
#
_symmetry.space_group_name_H-M   'P 1'
#
loop_
_entity.id
_entity.type
_entity.pdbx_description
1 polymer 'peptide self-assembled antimicrobial fibrils'
2 water water
#
_entity_poly.entity_id   1
_entity_poly.type   'polypeptide(L)'
_entity_poly.pdbx_seq_one_letter_code
;GPLGMLGGVVIA
;
_entity_poly.pdbx_strand_id   B,A,C,D,N,F,V,d,O,G,W,e,P,H,X,f,Q,I,Y,g,R,J,Z,S,K,a,i,T,b,j,U,M,c,k
#
# COMPACT_ATOMS: atom_id res chain seq x y z
N GLY A 1 -10.55 -4.76 20.73
CA GLY A 1 -9.17 -4.30 20.68
C GLY A 1 -8.93 -3.27 19.58
N PRO A 2 -7.66 -2.93 19.35
CA PRO A 2 -7.35 -1.96 18.30
C PRO A 2 -7.64 -2.51 16.92
N LEU A 3 -8.02 -1.61 16.01
CA LEU A 3 -8.32 -1.95 14.62
C LEU A 3 -7.48 -1.05 13.72
N GLY A 4 -6.54 -1.63 12.99
CA GLY A 4 -5.67 -0.89 12.11
C GLY A 4 -5.61 -1.53 10.73
N MET A 5 -5.50 -0.69 9.71
CA MET A 5 -5.42 -1.14 8.33
C MET A 5 -4.25 -0.45 7.65
N LEU A 6 -3.40 -1.23 6.98
CA LEU A 6 -2.26 -0.71 6.23
C LEU A 6 -2.37 -1.21 4.80
N GLY A 7 -2.35 -0.30 3.84
CA GLY A 7 -2.45 -0.66 2.45
C GLY A 7 -1.28 -1.50 1.97
N GLY A 8 -0.09 -0.92 1.95
CA GLY A 8 1.09 -1.64 1.52
C GLY A 8 2.34 -0.82 1.74
N VAL A 9 3.48 -1.48 1.67
CA VAL A 9 4.78 -0.86 1.86
C VAL A 9 5.69 -1.28 0.71
N VAL A 10 6.36 -0.31 0.10
CA VAL A 10 7.34 -0.55 -0.95
C VAL A 10 8.69 -0.05 -0.44
N ILE A 11 9.66 -0.96 -0.34
CA ILE A 11 11.00 -0.64 0.14
C ILE A 11 11.98 -0.96 -0.98
N ALA A 12 12.77 0.04 -1.36
CA ALA A 12 13.75 -0.15 -2.42
C ALA A 12 15.07 0.55 -2.07
N GLY B 1 19.14 -4.84 5.21
CA GLY B 1 17.93 -4.20 4.73
C GLY B 1 17.09 -3.62 5.86
N PRO B 2 15.78 -3.56 5.66
CA PRO B 2 14.89 -3.03 6.70
C PRO B 2 14.88 -3.93 7.93
N LEU B 3 14.69 -3.30 9.09
CA LEU B 3 14.65 -4.01 10.36
C LEU B 3 13.50 -3.46 11.20
N GLY B 4 12.78 -4.35 11.86
CA GLY B 4 11.68 -3.94 12.71
C GLY B 4 10.42 -4.76 12.53
N MET B 5 9.27 -4.14 12.79
CA MET B 5 7.98 -4.80 12.67
C MET B 5 7.11 -4.07 11.67
N LEU B 6 6.26 -4.83 10.97
CA LEU B 6 5.39 -4.28 9.94
C LEU B 6 4.09 -5.07 9.94
N GLY B 7 2.97 -4.37 9.96
CA GLY B 7 1.68 -5.01 9.94
C GLY B 7 0.57 -4.01 10.13
N GLY B 8 -0.66 -4.50 9.99
CA GLY B 8 -1.82 -3.66 10.21
C GLY B 8 -1.91 -3.17 11.64
N VAL B 9 -1.72 -4.08 12.59
CA VAL B 9 -1.67 -3.75 14.01
C VAL B 9 -0.36 -4.29 14.56
N VAL B 10 0.43 -3.41 15.18
CA VAL B 10 1.72 -3.77 15.75
C VAL B 10 1.66 -3.46 17.24
N ILE B 11 1.82 -4.49 18.06
CA ILE B 11 1.84 -4.34 19.52
C ILE B 11 3.18 -4.89 19.99
N ALA B 12 4.01 -4.03 20.56
CA ALA B 12 5.32 -4.43 21.04
C ALA B 12 5.53 -3.99 22.49
N GLY C 1 11.03 3.65 -20.09
CA GLY C 1 9.64 3.98 -19.84
C GLY C 1 9.41 4.65 -18.50
N PRO C 2 8.16 4.92 -18.18
CA PRO C 2 7.85 5.54 -16.89
C PRO C 2 8.15 4.60 -15.72
N LEU C 3 8.54 5.20 -14.60
CA LEU C 3 8.83 4.46 -13.37
C LEU C 3 7.98 5.06 -12.26
N GLY C 4 6.99 4.30 -11.79
CA GLY C 4 6.08 4.76 -10.77
C GLY C 4 6.03 3.79 -9.60
N MET C 5 5.90 4.33 -8.40
CA MET C 5 5.85 3.55 -7.18
C MET C 5 4.68 4.02 -6.33
N LEU C 6 3.84 3.07 -5.91
CA LEU C 6 2.70 3.35 -5.04
C LEU C 6 2.80 2.44 -3.82
N GLY C 7 2.83 3.04 -2.64
CA GLY C 7 2.89 2.27 -1.41
C GLY C 7 1.69 1.38 -1.21
N GLY C 8 0.52 1.98 -1.05
CA GLY C 8 -0.70 1.22 -0.87
C GLY C 8 -1.88 2.15 -0.73
N VAL C 9 -3.07 1.57 -0.87
CA VAL C 9 -4.32 2.31 -0.74
C VAL C 9 -5.27 1.49 0.13
N VAL C 10 -6.00 2.17 1.01
CA VAL C 10 -7.01 1.56 1.86
C VAL C 10 -8.35 2.17 1.47
N ILE C 11 -9.29 1.32 1.08
CA ILE C 11 -10.64 1.75 0.71
C ILE C 11 -11.61 1.13 1.70
N ALA C 12 -12.37 1.97 2.40
CA ALA C 12 -13.34 1.51 3.38
C ALA C 12 -14.71 2.12 3.14
N GLY D 1 -18.60 -0.94 -5.43
CA GLY D 1 -17.48 -0.32 -4.75
C GLY D 1 -16.64 0.55 -5.65
N PRO D 2 -15.33 0.56 -5.42
CA PRO D 2 -14.43 1.35 -6.27
C PRO D 2 -14.42 0.85 -7.71
N LEU D 3 -14.27 1.80 -8.63
CA LEU D 3 -14.22 1.48 -10.05
C LEU D 3 -13.06 2.24 -10.70
N GLY D 4 -12.33 1.56 -11.57
CA GLY D 4 -11.23 2.19 -12.26
C GLY D 4 -9.98 1.33 -12.35
N MET D 5 -8.82 1.97 -12.41
CA MET D 5 -7.54 1.29 -12.51
C MET D 5 -6.65 1.68 -11.35
N LEU D 6 -5.83 0.73 -10.91
CA LEU D 6 -4.94 0.93 -9.77
C LEU D 6 -3.64 0.19 -10.01
N GLY D 7 -2.53 0.85 -9.77
CA GLY D 7 -1.23 0.23 -9.92
C GLY D 7 -0.13 1.26 -9.80
N GLY D 8 1.10 0.74 -9.79
CA GLY D 8 2.26 1.62 -9.75
C GLY D 8 2.38 2.48 -10.98
N VAL D 9 2.19 1.88 -12.16
CA VAL D 9 2.16 2.60 -13.42
C VAL D 9 0.84 2.25 -14.11
N VAL D 10 0.07 3.27 -14.46
CA VAL D 10 -1.21 3.10 -15.13
C VAL D 10 -1.15 3.82 -16.47
N ILE D 11 -1.32 3.07 -17.54
CA ILE D 11 -1.34 3.62 -18.90
C ILE D 11 -2.68 3.25 -19.52
N ALA D 12 -3.47 4.25 -19.87
CA ALA D 12 -4.78 4.02 -20.47
C ALA D 12 -5.02 4.94 -21.66
N GLY E 1 19.08 -12.12 48.71
CA GLY E 1 20.24 -11.25 48.86
C GLY E 1 20.23 -10.10 47.87
N PRO E 2 21.40 -9.52 47.61
CA PRO E 2 21.49 -8.43 46.64
C PRO E 2 21.26 -8.90 45.21
N LEU E 3 20.71 -8.01 44.40
CA LEU E 3 20.47 -8.26 42.99
C LEU E 3 21.28 -7.25 42.19
N GLY E 4 22.33 -7.72 41.53
CA GLY E 4 23.20 -6.87 40.73
C GLY E 4 23.17 -7.29 39.27
N MET E 5 23.48 -6.33 38.39
CA MET E 5 23.47 -6.57 36.95
C MET E 5 24.56 -5.72 36.32
N LEU E 6 25.47 -6.36 35.59
CA LEU E 6 26.57 -5.68 34.91
C LEU E 6 26.53 -6.11 33.45
N GLY E 7 26.36 -5.15 32.55
CA GLY E 7 26.29 -5.45 31.13
C GLY E 7 27.57 -6.02 30.57
N GLY E 8 28.69 -5.35 30.84
CA GLY E 8 29.97 -5.83 30.36
C GLY E 8 31.04 -4.79 30.60
N VAL E 9 32.29 -5.25 30.47
CA VAL E 9 33.46 -4.39 30.62
C VAL E 9 34.47 -4.77 29.54
N VAL E 10 35.09 -3.75 28.95
CA VAL E 10 36.09 -3.93 27.91
C VAL E 10 37.43 -3.46 28.45
N ILE E 11 38.42 -4.35 28.44
CA ILE E 11 39.76 -4.01 28.90
C ILE E 11 40.74 -4.14 27.74
N ALA E 12 41.29 -3.01 27.30
CA ALA E 12 42.23 -3.00 26.20
C ALA E 12 43.59 -2.48 26.65
N GLY F 4 41.58 -8.41 40.23
CA GLY F 4 40.62 -8.29 41.31
C GLY F 4 39.38 -9.14 41.12
N MET F 5 38.23 -8.58 41.47
CA MET F 5 36.95 -9.26 41.36
C MET F 5 36.05 -8.51 40.37
N LEU F 6 35.27 -9.28 39.61
CA LEU F 6 34.41 -8.71 38.59
C LEU F 6 33.21 -9.61 38.40
N GLY F 7 32.02 -9.03 38.34
CA GLY F 7 30.81 -9.79 38.14
C GLY F 7 29.60 -8.96 38.48
N GLY F 8 28.43 -9.59 38.31
CA GLY F 8 27.18 -8.90 38.62
C GLY F 8 27.06 -8.56 40.09
N VAL F 9 27.38 -9.51 40.96
CA VAL F 9 27.42 -9.31 42.40
C VAL F 9 28.79 -9.74 42.89
N VAL F 10 29.48 -8.87 43.61
CA VAL F 10 30.79 -9.16 44.17
C VAL F 10 30.71 -8.97 45.68
N ILE F 11 31.02 -10.03 46.42
CA ILE F 11 30.98 -9.99 47.89
C ILE F 11 32.37 -10.41 48.36
N ALA F 12 33.21 -9.42 48.64
CA ALA F 12 34.57 -9.68 49.10
C ALA F 12 34.56 -10.11 50.57
N GLY G 1 39.67 1.80 9.64
CA GLY G 1 38.45 2.58 9.61
C GLY G 1 38.05 3.11 10.97
N PRO G 2 36.75 3.14 11.25
CA PRO G 2 36.29 3.63 12.54
C PRO G 2 36.63 2.66 13.67
N LEU G 3 36.91 3.22 14.84
CA LEU G 3 37.21 2.46 16.04
C LEU G 3 36.21 2.86 17.12
N GLY G 4 35.46 1.89 17.62
CA GLY G 4 34.46 2.14 18.62
C GLY G 4 34.44 1.06 19.69
N MET G 5 34.13 1.48 20.91
CA MET G 5 34.08 0.57 22.06
C MET G 5 32.82 0.84 22.85
N LEU G 6 32.16 -0.23 23.28
CA LEU G 6 30.96 -0.16 24.11
C LEU G 6 31.13 -1.14 25.27
N GLY G 7 31.18 -0.61 26.48
CA GLY G 7 31.37 -1.44 27.66
C GLY G 7 30.29 -2.49 27.83
N GLY G 8 29.06 -2.05 28.10
CA GLY G 8 27.96 -2.97 28.28
C GLY G 8 26.65 -2.24 28.26
N VAL G 9 25.58 -3.01 28.10
CA VAL G 9 24.21 -2.48 28.04
C VAL G 9 23.33 -3.35 28.92
N VAL G 10 22.56 -2.72 29.80
CA VAL G 10 21.63 -3.40 30.67
C VAL G 10 20.24 -2.91 30.33
N ILE G 11 19.36 -3.83 29.94
CA ILE G 11 17.98 -3.52 29.61
C ILE G 11 17.10 -4.37 30.53
N ALA G 12 16.37 -3.71 31.42
CA ALA G 12 15.51 -4.41 32.36
C ALA G 12 14.17 -3.71 32.50
N GLY H 1 9.56 -6.16 23.04
CA GLY H 1 10.76 -5.80 23.77
C GLY H 1 11.63 -4.81 23.03
N PRO H 2 12.92 -4.74 23.40
CA PRO H 2 13.83 -3.83 22.70
C PRO H 2 13.98 -4.19 21.24
N LEU H 3 14.18 -3.16 20.43
CA LEU H 3 14.33 -3.33 18.98
C LEU H 3 15.33 -2.32 18.46
N GLY H 4 16.44 -2.80 17.93
CA GLY H 4 17.46 -1.95 17.37
C GLY H 4 18.73 -2.73 17.10
N MET H 5 19.80 -1.97 16.87
CA MET H 5 21.12 -2.54 16.63
C MET H 5 22.07 -2.10 17.73
N LEU H 6 22.95 -3.02 18.14
CA LEU H 6 23.85 -2.81 19.26
C LEU H 6 25.22 -3.40 18.92
N GLY H 7 26.27 -2.64 19.22
CA GLY H 7 27.62 -3.10 18.99
C GLY H 7 28.65 -2.01 19.20
N GLY H 8 29.93 -2.38 19.22
CA GLY H 8 30.98 -1.38 19.37
C GLY H 8 31.01 -0.41 18.21
N VAL H 9 30.94 -0.92 16.99
CA VAL H 9 30.84 -0.10 15.78
C VAL H 9 29.57 -0.52 15.06
N VAL H 10 28.69 0.45 14.82
CA VAL H 10 27.41 0.20 14.16
C VAL H 10 27.35 1.05 12.91
N ILE H 11 27.27 0.39 11.75
CA ILE H 11 27.19 1.06 10.45
C ILE H 11 25.90 0.60 9.78
N ALA H 12 25.01 1.54 9.52
CA ALA H 12 23.74 1.22 8.88
C ALA H 12 23.78 1.51 7.39
N GLY I 1 -39.31 2.10 -8.05
CA GLY I 1 -38.08 2.84 -7.82
C GLY I 1 -37.70 3.78 -8.95
N PRO I 2 -36.42 3.88 -9.25
CA PRO I 2 -35.99 4.74 -10.36
C PRO I 2 -36.30 4.13 -11.71
N LEU I 3 -36.69 4.98 -12.65
CA LEU I 3 -36.99 4.58 -14.02
C LEU I 3 -35.97 5.26 -14.94
N GLY I 4 -35.25 4.46 -15.70
CA GLY I 4 -34.22 4.99 -16.59
C GLY I 4 -34.18 4.22 -17.89
N MET I 5 -33.93 4.96 -18.99
CA MET I 5 -33.89 4.39 -20.33
C MET I 5 -32.62 4.87 -21.02
N LEU I 6 -31.97 3.95 -21.74
CA LEU I 6 -30.77 4.25 -22.50
C LEU I 6 -30.94 3.66 -23.90
N GLY I 7 -31.00 4.52 -24.91
CA GLY I 7 -31.19 4.07 -26.28
C GLY I 7 -30.12 3.12 -26.77
N GLY I 8 -28.88 3.56 -26.75
CA GLY I 8 -27.79 2.71 -27.19
C GLY I 8 -26.48 3.45 -27.10
N VAL I 9 -25.39 2.67 -27.10
CA VAL I 9 -24.04 3.19 -27.01
C VAL I 9 -23.20 2.55 -28.11
N VAL I 10 -22.40 3.37 -28.79
CA VAL I 10 -21.49 2.90 -29.83
C VAL I 10 -20.09 3.28 -29.39
N ILE I 11 -19.23 2.29 -29.17
CA ILE I 11 -17.85 2.51 -28.75
C ILE I 11 -16.99 1.90 -29.84
N ALA I 12 -16.46 2.75 -30.72
CA ALA I 12 -15.63 2.31 -31.82
C ALA I 12 -14.75 3.44 -32.35
N GLY J 1 -9.40 -1.85 -23.33
CA GLY J 1 -10.61 -1.28 -23.92
C GLY J 1 -11.46 -0.53 -22.92
N PRO J 2 -12.75 -0.37 -23.24
CA PRO J 2 -13.65 0.32 -22.31
C PRO J 2 -13.79 -0.44 -21.00
N LEU J 3 -14.00 0.32 -19.92
CA LEU J 3 -14.14 -0.25 -18.60
C LEU J 3 -15.13 0.59 -17.79
N GLY J 4 -16.24 -0.03 -17.40
CA GLY J 4 -17.24 0.64 -16.61
C GLY J 4 -18.51 -0.19 -16.54
N MET J 5 -19.57 0.45 -16.05
CA MET J 5 -20.88 -0.15 -15.94
C MET J 5 -21.86 0.59 -16.84
N LEU J 6 -22.64 -0.16 -17.61
CA LEU J 6 -23.57 0.41 -18.58
C LEU J 6 -24.92 -0.27 -18.46
N GLY J 7 -25.97 0.54 -18.49
CA GLY J 7 -27.32 0.02 -18.40
C GLY J 7 -28.33 1.14 -18.30
N GLY J 8 -29.60 0.76 -18.42
CA GLY J 8 -30.67 1.72 -18.30
C GLY J 8 -30.74 2.36 -16.93
N VAL J 9 -30.64 1.54 -15.88
CA VAL J 9 -30.56 2.00 -14.50
C VAL J 9 -29.29 1.42 -13.91
N VAL J 10 -28.40 2.27 -13.42
CA VAL J 10 -27.11 1.86 -12.88
C VAL J 10 -27.06 2.30 -11.43
N ILE J 11 -26.92 1.34 -10.51
CA ILE J 11 -26.83 1.61 -9.08
C ILE J 11 -25.54 0.96 -8.58
N ALA J 12 -24.61 1.78 -8.13
CA ALA J 12 -23.33 1.28 -7.63
C ALA J 12 -23.38 1.08 -6.13
N GLY K 1 -17.99 4.57 -48.89
CA GLY K 1 -19.11 5.48 -48.96
C GLY K 1 -19.30 6.29 -47.69
N PRO K 2 -20.54 6.70 -47.42
CA PRO K 2 -20.82 7.44 -46.18
C PRO K 2 -20.55 6.60 -44.95
N LEU K 3 -20.10 7.27 -43.89
CA LEU K 3 -19.83 6.63 -42.60
C LEU K 3 -20.61 7.38 -41.54
N GLY K 4 -21.68 6.76 -41.05
CA GLY K 4 -22.56 7.35 -40.05
C GLY K 4 -22.56 6.52 -38.78
N MET K 5 -22.61 7.21 -37.65
CA MET K 5 -22.64 6.56 -36.33
C MET K 5 -23.74 7.22 -35.50
N LEU K 6 -24.71 6.41 -35.08
CA LEU K 6 -25.81 6.88 -34.24
C LEU K 6 -25.79 6.08 -32.95
N GLY K 7 -25.72 6.77 -31.82
CA GLY K 7 -25.71 6.11 -30.53
C GLY K 7 -26.99 5.37 -30.23
N GLY K 8 -28.09 6.10 -30.14
CA GLY K 8 -29.38 5.49 -29.88
C GLY K 8 -30.45 6.55 -29.77
N VAL K 9 -31.69 6.08 -29.84
CA VAL K 9 -32.87 6.94 -29.76
C VAL K 9 -33.87 6.28 -28.82
N VAL K 10 -34.51 7.09 -27.98
CA VAL K 10 -35.52 6.63 -27.03
C VAL K 10 -36.84 7.26 -27.43
N ILE K 11 -37.85 6.43 -27.67
CA ILE K 11 -39.18 6.89 -28.04
C ILE K 11 -40.11 6.48 -26.91
N ALA K 12 -40.42 7.42 -26.03
CA ALA K 12 -41.30 7.16 -24.90
C ALA K 12 -42.71 7.64 -25.18
N GLY L 4 -40.75 5.88 -40.04
CA GLY L 4 -39.85 6.16 -41.14
C GLY L 4 -38.58 5.35 -41.10
N MET L 5 -37.46 5.97 -41.47
CA MET L 5 -36.16 5.33 -41.50
C MET L 5 -35.34 5.73 -40.29
N LEU L 6 -34.55 4.79 -39.79
CA LEU L 6 -33.73 5.04 -38.61
C LEU L 6 -32.52 4.12 -38.66
N GLY L 7 -31.33 4.67 -38.46
CA GLY L 7 -30.12 3.88 -38.46
C GLY L 7 -28.90 4.77 -38.56
N GLY L 8 -27.73 4.12 -38.54
CA GLY L 8 -26.48 4.86 -38.65
C GLY L 8 -26.36 5.58 -39.97
N VAL L 9 -26.66 4.89 -41.07
CA VAL L 9 -26.69 5.49 -42.40
C VAL L 9 -28.05 5.22 -43.01
N VAL L 10 -28.70 6.27 -43.50
CA VAL L 10 -30.01 6.18 -44.11
C VAL L 10 -29.93 6.77 -45.51
N ILE L 11 -30.21 5.94 -46.52
CA ILE L 11 -30.20 6.38 -47.91
C ILE L 11 -31.57 6.14 -48.53
N ALA L 12 -32.42 7.17 -48.49
CA ALA L 12 -33.77 7.05 -49.04
C ALA L 12 -33.74 7.08 -50.57
N GLY M 1 16.78 -7.02 -5.86
CA GLY M 1 18.08 -6.43 -5.58
C GLY M 1 18.47 -5.35 -6.57
N PRO M 2 19.77 -5.22 -6.82
CA PRO M 2 20.22 -4.21 -7.79
C PRO M 2 19.73 -4.52 -9.19
N LEU M 3 19.51 -3.47 -9.98
CA LEU M 3 19.04 -3.58 -11.36
C LEU M 3 19.94 -2.74 -12.24
N GLY M 4 20.88 -3.39 -12.91
CA GLY M 4 21.83 -2.70 -13.79
C GLY M 4 21.68 -3.18 -15.22
N MET M 5 21.99 -2.28 -16.16
CA MET M 5 21.89 -2.57 -17.58
C MET M 5 23.06 -1.92 -18.30
N LEU M 6 23.85 -2.72 -19.00
CA LEU M 6 25.00 -2.23 -19.76
C LEU M 6 24.77 -2.59 -21.23
N GLY M 7 24.87 -1.60 -22.11
CA GLY M 7 24.68 -1.83 -23.53
C GLY M 7 25.77 -2.68 -24.14
N GLY M 8 26.99 -2.15 -24.20
CA GLY M 8 28.10 -2.89 -24.76
C GLY M 8 29.41 -2.19 -24.46
N VAL M 9 30.50 -2.92 -24.68
CA VAL M 9 31.85 -2.42 -24.45
C VAL M 9 32.71 -2.82 -25.64
N VAL M 10 33.43 -1.85 -26.20
CA VAL M 10 34.35 -2.09 -27.31
C VAL M 10 35.75 -1.75 -26.81
N ILE M 11 36.66 -2.72 -26.90
CA ILE M 11 38.04 -2.55 -26.50
C ILE M 11 38.90 -2.83 -27.73
N ALA M 12 39.39 -1.77 -28.37
CA ALA M 12 40.21 -1.90 -29.56
C ALA M 12 41.60 -1.33 -29.34
N GLY N 1 46.56 -7.55 -22.08
CA GLY N 1 45.27 -7.04 -22.57
C GLY N 1 44.43 -6.48 -21.43
N PRO N 2 43.08 -6.39 -21.58
CA PRO N 2 42.23 -5.86 -20.52
C PRO N 2 42.09 -6.83 -19.35
N LEU N 3 41.87 -6.31 -18.14
CA LEU N 3 41.73 -7.15 -16.92
C LEU N 3 40.66 -6.52 -16.01
N GLY N 4 39.79 -7.35 -15.43
CA GLY N 4 38.74 -6.84 -14.52
C GLY N 4 37.43 -7.60 -14.67
N MET N 5 36.34 -7.05 -14.14
CA MET N 5 35.00 -7.68 -14.22
C MET N 5 34.07 -6.80 -15.05
N LEU N 6 33.23 -7.42 -15.89
CA LEU N 6 32.29 -6.68 -16.76
C LEU N 6 30.90 -7.34 -16.66
N GLY N 7 29.83 -6.55 -16.81
CA GLY N 7 28.46 -7.08 -16.75
C GLY N 7 27.45 -6.01 -16.35
N GLY N 8 26.15 -6.29 -16.54
CA GLY N 8 25.09 -5.35 -16.19
C GLY N 8 25.12 -5.01 -14.70
N VAL N 9 25.26 -6.03 -13.85
CA VAL N 9 25.33 -5.85 -12.38
C VAL N 9 26.61 -6.54 -11.87
N VAL N 10 27.61 -5.75 -11.47
CA VAL N 10 28.90 -6.32 -10.97
C VAL N 10 28.94 -6.18 -9.44
N ILE N 11 28.91 -7.30 -8.73
CA ILE N 11 28.97 -7.29 -7.23
C ILE N 11 30.26 -7.96 -6.77
N ALA N 12 31.32 -7.18 -6.57
CA ALA N 12 32.62 -7.71 -6.13
C ALA N 12 32.63 -7.87 -4.60
N GLY O 1 38.67 3.69 -45.76
CA GLY O 1 37.25 3.78 -45.52
C GLY O 1 36.91 4.33 -44.16
N PRO O 2 35.63 4.63 -43.93
CA PRO O 2 35.20 5.12 -42.61
C PRO O 2 35.51 4.13 -41.51
N LEU O 3 35.90 4.66 -40.36
CA LEU O 3 36.22 3.85 -39.18
C LEU O 3 35.44 4.43 -38.00
N GLY O 4 34.51 3.65 -37.47
CA GLY O 4 33.71 4.08 -36.35
C GLY O 4 33.49 2.98 -35.34
N MET O 5 33.41 3.37 -34.07
CA MET O 5 33.16 2.44 -32.98
C MET O 5 32.00 2.97 -32.15
N LEU O 6 31.00 2.13 -31.91
CA LEU O 6 29.87 2.47 -31.04
C LEU O 6 29.92 1.53 -29.84
N GLY O 7 29.98 2.11 -28.65
CA GLY O 7 30.06 1.33 -27.44
C GLY O 7 28.85 0.44 -27.21
N GLY O 8 27.71 1.04 -26.96
CA GLY O 8 26.49 0.29 -26.73
C GLY O 8 25.31 1.22 -26.63
N VAL O 9 24.13 0.63 -26.72
CA VAL O 9 22.87 1.37 -26.65
C VAL O 9 21.92 0.61 -25.74
N VAL O 10 21.31 1.32 -24.79
CA VAL O 10 20.32 0.76 -23.88
C VAL O 10 19.01 1.51 -24.13
N ILE O 11 17.97 0.77 -24.49
CA ILE O 11 16.63 1.31 -24.68
C ILE O 11 15.70 0.60 -23.71
N ALA O 12 15.14 1.34 -22.78
CA ALA O 12 14.25 0.77 -21.78
C ALA O 12 13.05 1.68 -21.53
N GLY P 1 7.84 0.03 -31.22
CA GLY P 1 8.96 0.42 -30.38
C GLY P 1 10.01 1.22 -31.11
N PRO P 2 11.28 1.00 -30.76
CA PRO P 2 12.37 1.70 -31.45
C PRO P 2 12.40 1.36 -32.94
N LEU P 3 12.77 2.35 -33.74
CA LEU P 3 12.84 2.19 -35.19
C LEU P 3 14.02 3.01 -35.70
N GLY P 4 14.99 2.33 -36.29
CA GLY P 4 16.15 3.02 -36.83
C GLY P 4 17.26 2.04 -37.15
N MET P 5 18.43 2.61 -37.40
CA MET P 5 19.63 1.86 -37.74
C MET P 5 20.69 2.06 -36.67
N LEU P 6 21.37 0.98 -36.30
CA LEU P 6 22.42 1.00 -35.29
C LEU P 6 23.64 0.27 -35.82
N GLY P 7 24.81 0.68 -35.36
CA GLY P 7 26.05 0.04 -35.76
C GLY P 7 27.22 0.99 -35.64
N GLY P 8 28.41 0.41 -35.67
CA GLY P 8 29.62 1.21 -35.60
C GLY P 8 29.76 2.15 -36.79
N VAL P 9 29.49 1.64 -37.99
CA VAL P 9 29.47 2.44 -39.21
C VAL P 9 28.10 2.25 -39.85
N VAL P 10 27.42 3.36 -40.12
CA VAL P 10 26.10 3.34 -40.73
C VAL P 10 26.20 4.16 -42.01
N ILE P 11 26.31 3.47 -43.14
CA ILE P 11 26.35 4.12 -44.45
C ILE P 11 25.00 3.97 -45.12
N ALA P 12 24.14 4.97 -44.99
CA ALA P 12 22.80 4.93 -45.56
C ALA P 12 22.36 6.32 -45.99
N GLY Q 1 46.45 -13.82 21.15
CA GLY Q 1 47.81 -13.29 21.20
C GLY Q 1 47.99 -12.06 20.34
N PRO Q 2 49.24 -11.59 20.23
CA PRO Q 2 49.52 -10.42 19.39
C PRO Q 2 49.14 -10.67 17.94
N LEU Q 3 48.63 -9.64 17.29
CA LEU Q 3 48.22 -9.70 15.89
C LEU Q 3 49.05 -8.66 15.14
N GLY Q 4 50.15 -9.12 14.55
CA GLY Q 4 51.04 -8.26 13.78
C GLY Q 4 50.99 -8.64 12.30
N MET Q 5 51.23 -7.64 11.45
CA MET Q 5 51.20 -7.84 10.00
C MET Q 5 52.28 -7.00 9.37
N LEU Q 6 53.15 -7.62 8.59
CA LEU Q 6 54.24 -6.94 7.89
C LEU Q 6 54.12 -7.26 6.40
N GLY Q 7 54.04 -6.22 5.58
CA GLY Q 7 53.94 -6.40 4.14
C GLY Q 7 55.16 -7.06 3.54
N GLY Q 8 56.34 -6.60 3.93
CA GLY Q 8 57.58 -7.15 3.40
C GLY Q 8 58.71 -6.14 3.37
N VAL Q 9 59.95 -6.63 3.35
CA VAL Q 9 61.13 -5.78 3.36
C VAL Q 9 62.02 -6.15 2.18
N VAL Q 10 62.74 -5.17 1.67
CA VAL Q 10 63.68 -5.36 0.57
C VAL Q 10 65.06 -4.97 1.09
N ILE Q 11 66.01 -5.90 0.99
CA ILE Q 11 67.38 -5.68 1.41
C ILE Q 11 68.25 -5.71 0.15
N ALA Q 12 68.76 -4.55 -0.24
CA ALA Q 12 69.60 -4.45 -1.43
C ALA Q 12 70.97 -3.88 -1.09
N GLY R 4 68.98 -11.07 12.04
CA GLY R 4 68.39 -11.37 13.33
C GLY R 4 67.07 -12.10 13.25
N MET R 5 65.97 -11.36 13.36
CA MET R 5 64.63 -11.92 13.29
C MET R 5 63.76 -11.03 12.41
N LEU R 6 62.79 -11.65 11.76
CA LEU R 6 61.91 -10.94 10.84
C LEU R 6 60.60 -11.70 10.70
N GLY R 7 59.50 -10.98 10.73
CA GLY R 7 58.20 -11.61 10.57
C GLY R 7 57.10 -10.68 11.01
N GLY R 8 55.86 -11.12 10.74
CA GLY R 8 54.70 -10.35 11.15
C GLY R 8 54.59 -10.22 12.66
N VAL R 9 54.84 -11.32 13.38
CA VAL R 9 54.89 -11.33 14.83
C VAL R 9 56.22 -11.92 15.25
N VAL R 10 56.97 -11.19 16.06
CA VAL R 10 58.27 -11.63 16.55
C VAL R 10 58.22 -11.61 18.08
N ILE R 11 58.38 -12.77 18.69
CA ILE R 11 58.38 -12.91 20.14
C ILE R 11 59.77 -13.40 20.55
N ALA R 12 60.48 -12.59 21.31
CA ALA R 12 61.83 -12.93 21.76
C ALA R 12 62.20 -12.18 23.03
N GLY S 1 66.91 -2.64 -18.76
CA GLY S 1 65.69 -1.87 -18.64
C GLY S 1 65.32 -1.55 -17.20
N PRO S 2 64.03 -1.41 -16.93
CA PRO S 2 63.58 -1.13 -15.57
C PRO S 2 63.94 -2.24 -14.60
N LEU S 3 64.21 -1.86 -13.36
CA LEU S 3 64.57 -2.79 -12.30
C LEU S 3 63.76 -2.42 -11.07
N GLY S 4 62.78 -3.25 -10.73
CA GLY S 4 61.95 -3.02 -9.57
C GLY S 4 62.04 -4.18 -8.59
N MET S 5 61.76 -3.89 -7.32
CA MET S 5 61.85 -4.88 -6.26
C MET S 5 60.72 -4.65 -5.27
N LEU S 6 59.83 -5.62 -5.14
CA LEU S 6 58.73 -5.59 -4.18
C LEU S 6 58.96 -6.68 -3.15
N GLY S 7 58.88 -6.32 -1.88
CA GLY S 7 59.18 -7.26 -0.80
C GLY S 7 58.00 -8.07 -0.32
N GLY S 8 56.87 -7.96 -1.00
CA GLY S 8 55.68 -8.72 -0.63
C GLY S 8 54.51 -7.83 -0.26
N VAL S 9 53.32 -8.42 -0.36
CA VAL S 9 52.07 -7.70 -0.10
C VAL S 9 51.18 -8.60 0.76
N VAL S 10 50.59 -8.03 1.79
CA VAL S 10 49.65 -8.74 2.67
C VAL S 10 48.29 -8.08 2.51
N ILE S 11 47.29 -8.87 2.15
CA ILE S 11 45.92 -8.39 1.96
C ILE S 11 45.03 -9.24 2.85
N ALA S 12 44.56 -8.64 3.95
CA ALA S 12 43.70 -9.35 4.89
C ALA S 12 42.34 -8.68 4.98
N GLY T 1 36.83 -9.85 -4.39
CA GLY T 1 38.10 -9.67 -3.69
C GLY T 1 39.03 -8.70 -4.38
N PRO T 2 40.33 -8.78 -4.08
CA PRO T 2 41.30 -7.89 -4.71
C PRO T 2 41.33 -8.07 -6.22
N LEU T 3 41.55 -6.96 -6.92
CA LEU T 3 41.61 -6.96 -8.38
C LEU T 3 42.78 -6.08 -8.80
N GLY T 4 43.78 -6.68 -9.45
CA GLY T 4 44.92 -5.92 -9.92
C GLY T 4 46.06 -6.85 -10.32
N MET T 5 47.24 -6.25 -10.50
CA MET T 5 48.47 -6.98 -10.89
C MET T 5 49.63 -6.50 -10.01
N LEU T 6 50.40 -7.45 -9.46
CA LEU T 6 51.52 -7.16 -8.59
C LEU T 6 52.80 -7.74 -9.19
N GLY T 7 53.92 -7.31 -8.65
CA GLY T 7 55.22 -7.78 -9.09
C GLY T 7 56.26 -6.69 -8.96
N GLY T 8 57.53 -7.10 -9.12
CA GLY T 8 58.61 -6.13 -9.04
C GLY T 8 58.56 -5.09 -10.14
N VAL T 9 58.31 -5.54 -11.36
CA VAL T 9 58.18 -4.67 -12.52
C VAL T 9 56.81 -4.93 -13.14
N VAL T 10 56.03 -3.87 -13.34
CA VAL T 10 54.70 -3.95 -13.93
C VAL T 10 54.67 -3.01 -15.12
N ILE T 11 54.42 -3.56 -16.31
CA ILE T 11 54.31 -2.75 -17.53
C ILE T 11 52.95 -3.00 -18.15
N ALA T 12 52.06 -2.02 -18.05
CA ALA T 12 50.71 -2.14 -18.60
C ALA T 12 50.26 -0.83 -19.21
N GLY U 1 -12.15 0.22 -33.59
CA GLY U 1 -10.74 0.50 -33.72
C GLY U 1 -10.42 1.46 -34.85
N PRO U 2 -9.13 1.63 -35.13
CA PRO U 2 -8.74 2.52 -36.23
C PRO U 2 -9.20 1.99 -37.57
N LEU U 3 -9.44 2.93 -38.49
CA LEU U 3 -9.83 2.61 -39.86
C LEU U 3 -8.85 3.28 -40.80
N GLY U 4 -8.06 2.48 -41.51
CA GLY U 4 -7.07 3.00 -42.45
C GLY U 4 -7.33 2.47 -43.85
N MET U 5 -6.90 3.26 -44.84
CA MET U 5 -7.07 2.91 -46.24
C MET U 5 -5.83 3.37 -47.00
N LEU U 6 -5.09 2.44 -47.58
CA LEU U 6 -3.89 2.74 -48.36
C LEU U 6 -4.13 2.27 -49.78
N GLY U 7 -4.02 3.18 -50.74
CA GLY U 7 -4.24 2.86 -52.14
C GLY U 7 -3.27 1.83 -52.68
N GLY U 8 -2.00 2.18 -52.74
CA GLY U 8 -0.98 1.26 -53.22
C GLY U 8 0.40 1.81 -52.96
N VAL U 9 1.38 0.93 -53.10
CA VAL U 9 2.78 1.27 -52.87
C VAL U 9 3.61 0.67 -53.99
N VAL U 10 4.49 1.49 -54.57
CA VAL U 10 5.41 1.06 -55.62
C VAL U 10 6.82 1.32 -55.15
N ILE U 11 7.65 0.28 -55.14
CA ILE U 11 9.04 0.37 -54.72
C ILE U 11 9.89 -0.05 -55.91
N ALA U 12 10.80 0.82 -56.33
CA ALA U 12 11.67 0.53 -57.47
C ALA U 12 13.13 0.70 -57.09
N GLY V 1 17.62 -0.01 -48.68
CA GLY V 1 16.33 0.47 -49.14
C GLY V 1 15.55 1.17 -48.04
N PRO V 2 14.26 1.44 -48.31
CA PRO V 2 13.43 2.09 -47.30
C PRO V 2 13.27 1.22 -46.05
N LEU V 3 13.14 1.90 -44.91
CA LEU V 3 12.97 1.23 -43.63
C LEU V 3 12.00 2.02 -42.78
N GLY V 4 11.00 1.35 -42.23
CA GLY V 4 10.03 2.00 -41.38
C GLY V 4 8.66 1.36 -41.55
N MET V 5 7.63 2.15 -41.28
CA MET V 5 6.24 1.72 -41.37
C MET V 5 5.48 2.63 -42.33
N LEU V 6 4.51 2.04 -43.03
CA LEU V 6 3.70 2.77 -43.99
C LEU V 6 2.28 2.21 -43.99
N GLY V 7 1.31 3.10 -44.05
CA GLY V 7 -0.08 2.70 -44.08
C GLY V 7 -0.99 3.87 -43.86
N GLY V 8 -2.30 3.59 -43.97
CA GLY V 8 -3.29 4.63 -43.74
C GLY V 8 -3.27 5.14 -42.31
N VAL V 9 -3.22 4.22 -41.34
CA VAL V 9 -3.09 4.55 -39.93
C VAL V 9 -1.88 3.80 -39.40
N VAL V 10 -0.94 4.51 -38.80
CA VAL V 10 0.26 3.92 -38.22
C VAL V 10 0.28 4.25 -36.74
N ILE V 11 0.34 3.21 -35.91
CA ILE V 11 0.40 3.34 -34.46
C ILE V 11 1.63 2.57 -33.99
N ALA V 12 2.62 3.29 -33.48
CA ALA V 12 3.85 2.68 -33.01
C ALA V 12 3.95 2.75 -31.49
N GLY W 4 6.27 6.22 -65.90
CA GLY W 4 4.90 6.33 -65.45
C GLY W 4 4.61 5.49 -64.21
N MET W 5 4.97 6.04 -63.05
CA MET W 5 4.78 5.36 -61.78
C MET W 5 3.68 6.07 -60.99
N LEU W 6 2.73 5.28 -60.48
CA LEU W 6 1.62 5.80 -59.69
C LEU W 6 1.51 4.95 -58.44
N GLY W 7 1.48 5.59 -57.28
CA GLY W 7 1.36 4.89 -56.02
C GLY W 7 0.03 4.17 -55.88
N GLY W 8 -1.05 4.94 -55.82
CA GLY W 8 -2.38 4.37 -55.71
C GLY W 8 -3.42 5.45 -55.62
N VAL W 9 -4.67 5.02 -55.68
CA VAL W 9 -5.83 5.91 -55.59
C VAL W 9 -6.81 5.34 -54.57
N VAL W 10 -7.39 6.21 -53.77
CA VAL W 10 -8.39 5.84 -52.78
C VAL W 10 -9.64 6.66 -53.06
N ILE W 11 -10.76 5.97 -53.29
CA ILE W 11 -12.05 6.61 -53.52
C ILE W 11 -12.98 6.15 -52.41
N ALA W 12 -13.50 7.11 -51.64
CA ALA W 12 -14.40 6.80 -50.53
C ALA W 12 -15.30 7.99 -50.21
N GLY X 1 -39.68 -1.80 45.94
CA GLY X 1 -38.27 -1.88 45.59
C GLY X 1 -37.87 -0.92 44.50
N PRO X 2 -36.56 -0.65 44.39
CA PRO X 2 -36.09 0.26 43.34
C PRO X 2 -36.17 -0.38 41.97
N LEU X 3 -36.72 0.36 41.01
CA LEU X 3 -36.85 -0.09 39.62
C LEU X 3 -35.98 0.80 38.74
N GLY X 4 -35.10 0.20 37.97
CA GLY X 4 -34.22 0.94 37.09
C GLY X 4 -33.97 0.18 35.81
N MET X 5 -33.80 0.94 34.72
CA MET X 5 -33.56 0.39 33.41
C MET X 5 -32.33 1.06 32.80
N LEU X 6 -31.46 0.27 32.19
CA LEU X 6 -30.29 0.76 31.48
C LEU X 6 -30.25 0.12 30.11
N GLY X 7 -30.31 0.95 29.06
CA GLY X 7 -30.33 0.44 27.70
C GLY X 7 -29.06 -0.28 27.31
N GLY X 8 -27.97 0.45 27.21
CA GLY X 8 -26.70 -0.15 26.84
C GLY X 8 -25.56 0.82 27.06
N VAL X 9 -24.35 0.27 27.05
CA VAL X 9 -23.13 1.05 27.24
C VAL X 9 -22.12 0.57 26.21
N VAL X 10 -21.49 1.50 25.50
CA VAL X 10 -20.49 1.19 24.49
C VAL X 10 -19.17 1.82 24.93
N ILE X 11 -18.13 1.00 25.04
CA ILE X 11 -16.80 1.45 25.39
C ILE X 11 -15.86 1.05 24.27
N ALA X 12 -15.12 2.03 23.74
CA ALA X 12 -14.17 1.77 22.67
C ALA X 12 -13.01 2.78 22.71
N GLY Y 1 -8.23 -1.86 31.50
CA GLY Y 1 -9.29 -1.16 30.78
C GLY Y 1 -10.32 -0.55 31.71
N PRO Y 2 -11.58 -0.59 31.29
CA PRO Y 2 -12.66 -0.05 32.14
C PRO Y 2 -12.74 -0.79 33.47
N LEU Y 3 -13.06 -0.05 34.52
CA LEU Y 3 -13.19 -0.59 35.86
C LEU Y 3 -14.42 0.01 36.52
N GLY Y 4 -15.40 -0.83 36.85
CA GLY Y 4 -16.60 -0.35 37.49
C GLY Y 4 -17.67 -1.42 37.49
N MET Y 5 -18.86 -1.00 37.89
CA MET Y 5 -20.03 -1.86 37.94
C MET Y 5 -21.14 -1.29 37.06
N LEU Y 6 -21.75 -2.15 36.25
CA LEU Y 6 -22.81 -1.76 35.33
C LEU Y 6 -24.03 -2.63 35.58
N GLY Y 7 -25.21 -2.03 35.50
CA GLY Y 7 -26.44 -2.79 35.65
C GLY Y 7 -27.62 -1.85 35.68
N GLY Y 8 -28.81 -2.45 35.49
CA GLY Y 8 -30.03 -1.68 35.54
C GLY Y 8 -30.28 -1.08 36.91
N VAL Y 9 -30.10 -1.89 37.95
CA VAL Y 9 -30.15 -1.42 39.34
C VAL Y 9 -28.82 -1.75 39.98
N VAL Y 10 -28.17 -0.74 40.55
CA VAL Y 10 -26.89 -0.91 41.23
C VAL Y 10 -27.08 -0.54 42.69
N ILE Y 11 -26.78 -1.47 43.58
CA ILE Y 11 -26.92 -1.27 45.03
C ILE Y 11 -25.56 -1.60 45.64
N ALA Y 12 -24.78 -0.58 45.95
CA ALA Y 12 -23.46 -0.77 46.55
C ALA Y 12 -23.04 0.45 47.36
N GLY Z 1 -16.67 3.45 5.47
CA GLY Z 1 -17.89 4.20 5.26
C GLY Z 1 -18.33 4.95 6.50
N PRO Z 2 -19.65 5.04 6.71
CA PRO Z 2 -20.16 5.70 7.92
C PRO Z 2 -19.73 4.97 9.18
N LEU Z 3 -19.53 5.75 10.25
CA LEU Z 3 -19.14 5.23 11.55
C LEU Z 3 -20.05 5.84 12.60
N GLY Z 4 -20.95 5.02 13.15
CA GLY Z 4 -21.90 5.50 14.13
C GLY Z 4 -21.91 4.62 15.36
N MET Z 5 -22.16 5.25 16.51
CA MET Z 5 -22.21 4.56 17.78
C MET Z 5 -23.46 5.01 18.53
N LEU Z 6 -24.23 4.04 19.03
CA LEU Z 6 -25.42 4.32 19.83
C LEU Z 6 -25.24 3.61 21.16
N GLY Z 7 -25.36 4.36 22.25
CA GLY Z 7 -25.21 3.79 23.58
C GLY Z 7 -26.29 2.80 23.93
N GLY Z 8 -27.51 3.29 24.10
CA GLY Z 8 -28.63 2.43 24.40
C GLY Z 8 -29.94 3.18 24.25
N VAL Z 9 -31.02 2.40 24.17
CA VAL Z 9 -32.37 2.93 24.02
C VAL Z 9 -33.28 2.23 25.02
N VAL Z 10 -34.03 3.00 25.78
CA VAL Z 10 -34.99 2.47 26.75
C VAL Z 10 -36.38 2.93 26.34
N ILE Z 11 -37.27 1.98 26.09
CA ILE Z 11 -38.66 2.27 25.74
C ILE Z 11 -39.54 1.62 26.80
N ALA Z 12 -40.33 2.44 27.49
CA ALA Z 12 -41.20 1.93 28.56
C ALA Z 12 -42.66 2.15 28.20
N GLY AA 1 -47.26 3.84 19.74
CA GLY AA 1 -45.87 3.92 20.18
C GLY AA 1 -45.00 4.75 19.27
N PRO AA 2 -43.73 4.93 19.65
CA PRO AA 2 -42.81 5.71 18.82
C PRO AA 2 -42.61 5.08 17.44
N LEU AA 3 -42.45 5.94 16.45
CA LEU AA 3 -42.22 5.51 15.07
C LEU AA 3 -41.15 6.38 14.45
N GLY AA 4 -40.17 5.76 13.82
CA GLY AA 4 -39.11 6.50 13.16
C GLY AA 4 -37.84 5.66 13.11
N MET AA 5 -36.71 6.36 13.00
CA MET AA 5 -35.40 5.74 12.92
C MET AA 5 -34.48 6.35 13.97
N LEU AA 6 -33.69 5.49 14.61
CA LEU AA 6 -32.74 5.91 15.63
C LEU AA 6 -31.38 5.30 15.35
N GLY AA 7 -30.33 6.00 15.75
CA GLY AA 7 -28.99 5.50 15.56
C GLY AA 7 -27.97 6.61 15.67
N GLY AA 8 -26.71 6.18 15.79
CA GLY AA 8 -25.62 7.16 15.82
C GLY AA 8 -25.50 7.92 14.52
N VAL AA 9 -25.54 7.21 13.40
CA VAL AA 9 -25.58 7.82 12.07
C VAL AA 9 -26.79 7.26 11.35
N VAL AA 10 -27.68 8.15 10.92
CA VAL AA 10 -28.91 7.77 10.23
C VAL AA 10 -28.87 8.38 8.84
N ILE AA 11 -29.00 7.53 7.82
CA ILE AA 11 -29.04 7.95 6.43
C ILE AA 11 -30.35 7.46 5.82
N ALA AA 12 -31.15 8.37 5.31
CA ALA AA 12 -32.43 8.02 4.71
C ALA AA 12 -32.64 8.77 3.40
N GLY BA 4 -7.50 -5.63 66.58
CA GLY BA 4 -6.15 -5.25 66.18
C GLY BA 4 -5.78 -5.76 64.80
N MET BA 5 -6.14 -4.99 63.77
CA MET BA 5 -5.85 -5.34 62.39
C MET BA 5 -4.77 -4.44 61.85
N LEU BA 6 -3.76 -5.04 61.22
CA LEU BA 6 -2.65 -4.32 60.62
C LEU BA 6 -2.50 -4.78 59.18
N GLY BA 7 -2.46 -3.82 58.25
CA GLY BA 7 -2.29 -4.14 56.85
C GLY BA 7 -0.95 -4.78 56.54
N GLY BA 8 0.12 -4.05 56.80
CA GLY BA 8 1.46 -4.56 56.57
C GLY BA 8 2.48 -3.47 56.73
N VAL BA 9 3.74 -3.90 56.81
CA VAL BA 9 4.88 -2.99 56.92
C VAL BA 9 5.84 -3.28 55.78
N VAL BA 10 6.55 -2.25 55.33
CA VAL BA 10 7.55 -2.36 54.27
C VAL BA 10 8.80 -1.64 54.77
N ILE BA 11 9.91 -2.37 54.88
CA ILE BA 11 11.18 -1.82 55.29
C ILE BA 11 12.16 -1.99 54.14
N ALA BA 12 12.74 -0.88 53.69
CA ALA BA 12 13.69 -0.90 52.58
C ALA BA 12 14.61 0.30 52.63
N GLY CA 1 11.41 2.46 35.21
CA GLY CA 1 9.97 2.44 35.42
C GLY CA 1 9.54 3.09 36.72
N PRO CA 2 8.23 3.23 36.92
CA PRO CA 2 7.73 3.82 38.16
C PRO CA 2 8.08 2.97 39.38
N LEU CA 3 8.31 3.66 40.50
CA LEU CA 3 8.61 3.03 41.77
C LEU CA 3 7.56 3.46 42.78
N GLY CA 4 6.84 2.51 43.36
CA GLY CA 4 5.80 2.78 44.32
C GLY CA 4 5.86 1.84 45.50
N MET CA 5 5.53 2.36 46.67
CA MET CA 5 5.56 1.58 47.93
C MET CA 5 4.23 1.77 48.69
N LEU CA 6 3.57 0.68 49.02
CA LEU CA 6 2.30 0.70 49.75
C LEU CA 6 2.48 -0.13 51.01
N GLY CA 7 2.43 0.53 52.17
CA GLY CA 7 2.60 -0.15 53.44
C GLY CA 7 1.59 -1.25 53.68
N GLY CA 8 0.33 -0.88 53.81
CA GLY CA 8 -0.71 -1.87 54.04
C GLY CA 8 -2.08 -1.25 53.84
N VAL CA 9 -3.07 -2.14 53.69
CA VAL CA 9 -4.45 -1.73 53.48
C VAL CA 9 -5.34 -2.62 54.33
N VAL CA 10 -6.24 -2.01 55.10
CA VAL CA 10 -7.20 -2.72 55.92
C VAL CA 10 -8.60 -2.31 55.47
N ILE CA 11 -9.42 -3.28 55.10
CA ILE CA 11 -10.79 -3.05 54.65
C ILE CA 11 -11.70 -3.86 55.57
N ALA CA 12 -12.55 -3.17 56.32
CA ALA CA 12 -13.47 -3.82 57.24
C ALA CA 12 -14.92 -3.50 56.89
N GLY DA 1 -16.81 -7.60 48.43
CA GLY DA 1 -17.06 -6.21 48.75
C GLY DA 1 -16.26 -5.24 47.91
N PRO DA 2 -15.00 -5.05 48.26
CA PRO DA 2 -14.14 -4.14 47.47
C PRO DA 2 -13.97 -4.63 46.05
N LEU DA 3 -13.82 -3.67 45.13
CA LEU DA 3 -13.63 -3.97 43.72
C LEU DA 3 -12.63 -2.98 43.15
N GLY DA 4 -11.62 -3.48 42.47
CA GLY DA 4 -10.62 -2.63 41.86
C GLY DA 4 -9.26 -3.31 41.87
N MET DA 5 -8.22 -2.48 41.82
CA MET DA 5 -6.84 -2.93 41.82
C MET DA 5 -6.09 -2.37 43.02
N LEU DA 6 -5.13 -3.14 43.52
CA LEU DA 6 -4.35 -2.75 44.67
C LEU DA 6 -2.93 -3.27 44.52
N GLY DA 7 -1.96 -2.46 44.92
CA GLY DA 7 -0.57 -2.86 44.85
C GLY DA 7 0.34 -1.67 44.98
N GLY DA 8 1.64 -1.97 45.04
CA GLY DA 8 2.64 -0.90 45.12
C GLY DA 8 2.63 -0.02 43.90
N VAL DA 9 2.61 -0.63 42.71
CA VAL DA 9 2.51 0.08 41.45
C VAL DA 9 1.32 -0.48 40.69
N VAL DA 10 0.40 0.38 40.28
CA VAL DA 10 -0.79 -0.02 39.55
C VAL DA 10 -0.79 0.72 38.21
N ILE DA 11 -0.86 -0.03 37.12
CA ILE DA 11 -0.89 0.52 35.77
C ILE DA 11 -2.14 -0.05 35.09
N ALA DA 12 -3.12 0.80 34.83
CA ALA DA 12 -4.36 0.37 34.20
C ALA DA 12 -4.63 1.16 32.93
N GLY EA 1 -67.27 4.64 17.33
CA GLY EA 1 -65.95 5.23 17.36
C GLY EA 1 -65.62 6.03 16.11
N PRO EA 2 -64.33 6.31 15.90
CA PRO EA 2 -63.92 7.07 14.72
C PRO EA 2 -64.19 6.30 13.43
N LEU EA 3 -64.45 7.05 12.37
CA LEU EA 3 -64.69 6.49 11.05
C LEU EA 3 -63.72 7.13 10.07
N GLY EA 4 -62.93 6.31 9.39
CA GLY EA 4 -61.96 6.80 8.43
C GLY EA 4 -61.95 5.95 7.17
N MET EA 5 -61.73 6.62 6.04
CA MET EA 5 -61.70 5.94 4.75
C MET EA 5 -60.53 6.49 3.94
N LEU EA 6 -59.66 5.59 3.48
CA LEU EA 6 -58.51 5.94 2.67
C LEU EA 6 -58.64 5.21 1.34
N GLY EA 7 -58.58 5.96 0.24
CA GLY EA 7 -58.71 5.37 -1.08
C GLY EA 7 -57.57 4.44 -1.43
N GLY EA 8 -56.38 4.99 -1.59
CA GLY EA 8 -55.21 4.17 -1.91
C GLY EA 8 -53.96 5.01 -1.82
N VAL EA 9 -52.83 4.30 -1.79
CA VAL EA 9 -51.51 4.93 -1.67
C VAL EA 9 -50.58 4.29 -2.70
N VAL EA 10 -49.86 5.11 -3.44
CA VAL EA 10 -48.89 4.65 -4.43
C VAL EA 10 -47.52 5.18 -4.00
N ILE EA 11 -46.58 4.27 -3.76
CA ILE EA 11 -45.22 4.61 -3.38
C ILE EA 11 -44.31 4.07 -4.48
N ALA EA 12 -43.57 4.96 -5.13
CA ALA EA 12 -42.66 4.56 -6.19
C ALA EA 12 -41.42 5.43 -6.20
N GLY FA 1 -36.50 1.41 2.49
CA GLY FA 1 -37.74 1.79 1.85
C GLY FA 1 -38.67 2.58 2.76
N PRO FA 2 -39.94 2.63 2.40
CA PRO FA 2 -40.91 3.37 3.22
C PRO FA 2 -41.09 2.74 4.58
N LEU FA 3 -41.39 3.59 5.57
CA LEU FA 3 -41.59 3.15 6.94
C LEU FA 3 -42.74 3.93 7.54
N GLY FA 4 -43.79 3.23 7.95
CA GLY FA 4 -44.94 3.89 8.55
C GLY FA 4 -46.12 2.95 8.67
N MET FA 5 -47.28 3.54 8.96
CA MET FA 5 -48.53 2.80 9.10
C MET FA 5 -49.57 3.41 8.18
N LEU FA 6 -50.34 2.55 7.52
CA LEU FA 6 -51.41 2.99 6.62
C LEU FA 6 -52.70 2.27 7.01
N GLY FA 7 -53.81 2.89 6.67
CA GLY FA 7 -55.12 2.33 6.94
C GLY FA 7 -56.16 3.42 7.04
N GLY FA 8 -57.43 3.00 7.00
CA GLY FA 8 -58.52 3.96 7.12
C GLY FA 8 -58.53 4.66 8.46
N VAL FA 9 -58.31 3.91 9.54
CA VAL FA 9 -58.22 4.45 10.89
C VAL FA 9 -56.89 4.01 11.48
N VAL FA 10 -56.11 4.96 11.98
CA VAL FA 10 -54.83 4.68 12.62
C VAL FA 10 -54.89 5.27 14.03
N ILE FA 11 -54.74 4.42 15.02
CA ILE FA 11 -54.77 4.84 16.43
C ILE FA 11 -53.44 4.41 17.04
N ALA FA 12 -52.63 5.39 17.43
CA ALA FA 12 -51.34 5.12 18.04
C ALA FA 12 -50.96 6.20 19.04
N GLY GA 1 -47.41 5.87 -25.04
CA GLY GA 1 -47.46 5.22 -23.74
C GLY GA 1 -47.27 6.20 -22.58
N PRO GA 2 -48.34 6.87 -22.20
CA PRO GA 2 -48.26 7.83 -21.09
C PRO GA 2 -48.04 7.14 -19.75
N LEU GA 3 -47.46 7.89 -18.83
CA LEU GA 3 -47.19 7.43 -17.47
C LEU GA 3 -48.07 8.25 -16.52
N GLY GA 4 -49.07 7.59 -15.94
CA GLY GA 4 -50.00 8.24 -15.03
C GLY GA 4 -50.03 7.53 -13.69
N MET GA 5 -50.22 8.32 -12.62
CA MET GA 5 -50.24 7.80 -11.26
C MET GA 5 -51.45 8.37 -10.53
N LEU GA 6 -52.27 7.48 -9.98
CA LEU GA 6 -53.44 7.87 -9.20
C LEU GA 6 -53.37 7.19 -7.84
N GLY GA 7 -53.42 7.98 -6.78
CA GLY GA 7 -53.37 7.44 -5.43
C GLY GA 7 -54.61 6.63 -5.09
N GLY GA 8 -55.75 7.28 -5.03
CA GLY GA 8 -57.00 6.61 -4.73
C GLY GA 8 -58.18 7.56 -4.64
N VAL GA 9 -59.39 7.04 -4.79
CA VAL GA 9 -60.61 7.83 -4.72
C VAL GA 9 -61.56 7.16 -3.74
N VAL GA 10 -62.27 7.97 -2.97
CA VAL GA 10 -63.24 7.49 -2.00
C VAL GA 10 -64.61 8.01 -2.44
N ILE GA 11 -65.54 7.08 -2.66
CA ILE GA 11 -66.90 7.42 -3.05
C ILE GA 11 -67.85 7.06 -1.91
N ALA GA 12 -68.20 8.04 -1.09
CA ALA GA 12 -69.11 7.81 0.03
C ALA GA 12 -70.53 8.24 -0.32
N GLY HA 4 -67.95 5.37 -14.79
CA GLY HA 4 -67.38 5.41 -16.12
C GLY HA 4 -66.05 4.70 -16.22
N MET HA 5 -64.96 5.46 -16.02
CA MET HA 5 -63.62 4.91 -16.08
C MET HA 5 -62.79 5.46 -14.93
N LEU HA 6 -61.88 4.64 -14.42
CA LEU HA 6 -61.04 5.07 -13.26
C LEU HA 6 -59.75 4.26 -13.26
N GLY HA 7 -58.61 4.94 -13.27
CA GLY HA 7 -57.31 4.28 -13.27
C GLY HA 7 -56.19 5.29 -13.35
N GLY HA 8 -54.97 4.77 -13.16
CA GLY HA 8 -53.80 5.62 -13.29
C GLY HA 8 -53.62 6.16 -14.70
N VAL HA 9 -53.87 5.33 -15.70
CA VAL HA 9 -53.85 5.74 -17.10
C VAL HA 9 -55.17 5.31 -17.72
N VAL HA 10 -55.89 6.27 -18.31
CA VAL HA 10 -57.18 6.01 -18.95
C VAL HA 10 -57.06 6.45 -20.40
N ILE HA 11 -57.18 5.50 -21.32
CA ILE HA 11 -57.12 5.77 -22.75
C ILE HA 11 -58.48 5.40 -23.33
N ALA HA 12 -59.15 6.39 -23.92
CA ALA HA 12 -60.47 6.17 -24.51
C ALA HA 12 -60.76 7.20 -25.60
#